data_4L2X
#
_entry.id   4L2X
#
_cell.length_a   111.340
_cell.length_b   111.340
_cell.length_c   68.770
_cell.angle_alpha   90.00
_cell.angle_beta   90.00
_cell.angle_gamma   90.00
#
_symmetry.space_group_name_H-M   'P 41 21 2'
#
loop_
_entity.id
_entity.type
_entity.pdbx_description
1 polymer 'Farnesyl pyrophosphate synthase'
2 non-polymer '({[6-(4-cyclopropylphenyl)thieno[2,3-d]pyrimidin-4-yl]amino}methanediyl)bis(phosphonic acid)'
3 non-polymer 'PYROPHOSPHATE 2-'
4 non-polymer 'MAGNESIUM ION'
5 water water
#
_entity_poly.entity_id   1
_entity_poly.type   'polypeptide(L)'
_entity_poly.pdbx_seq_one_letter_code
;MGSSHHHHHHSSGRENLYFQGHMNGDQNSDVYAQEKQDFVQHFSQIVRVLTEDEMGHPEIGDAIARLKEVLEYNAIGGKY
NRGLTVVVAFRELVEPRKQDADSLQRAWTVGWCVELLQAFFLVADDIMDSSLTRRGQICWYQKPGVGLDAINDANLLEAC
IYRLLKLYCREQPYYLNLIELFLQSSYQTEIGQTLDLLTAPQGNVDLVRFTEKRYKSIVKYKTAFYSFYLPIAAAMYMAG
IDGEKEHANAKKILLEMGEFFQIQDDYLDLFGDPSVTGKIGTDIQDNKCSWLVVQCLQRATPEQYQILKENYGQKEAEKV
ARVKALYEELDLPAVFLQYEEDSYSHIMALIEQYAAPLPPAVFLGLARKIYKRRK
;
_entity_poly.pdbx_strand_id   F
#
loop_
_chem_comp.id
_chem_comp.type
_chem_comp.name
_chem_comp.formula
MG non-polymer 'MAGNESIUM ION' 'Mg 2'
POP non-polymer 'PYROPHOSPHATE 2-' 'H2 O7 P2 -2'
YL2 non-polymer '({[6-(4-cyclopropylphenyl)thieno[2,3-d]pyrimidin-4-yl]amino}methanediyl)bis(phosphonic acid)' 'C16 H17 N3 O6 P2 S'
#
# COMPACT_ATOMS: atom_id res chain seq x y z
N ASP A 30 -12.20 -14.49 -2.15
CA ASP A 30 -12.19 -15.93 -1.76
C ASP A 30 -12.47 -16.02 -0.24
N VAL A 31 -11.47 -16.40 0.56
CA VAL A 31 -11.59 -16.21 2.01
C VAL A 31 -11.69 -14.70 2.35
N TYR A 32 -11.04 -13.86 1.54
CA TYR A 32 -11.13 -12.40 1.69
C TYR A 32 -12.57 -11.85 1.59
N ALA A 33 -13.20 -12.05 0.43
CA ALA A 33 -14.60 -11.64 0.23
C ALA A 33 -15.49 -12.11 1.38
N GLN A 34 -15.23 -13.31 1.90
CA GLN A 34 -15.96 -13.81 3.09
C GLN A 34 -15.83 -12.87 4.30
N GLU A 35 -14.61 -12.46 4.62
CA GLU A 35 -14.32 -11.81 5.90
C GLU A 35 -14.56 -10.30 5.98
N LYS A 36 -14.74 -9.65 4.83
CA LYS A 36 -14.90 -8.19 4.76
C LYS A 36 -15.99 -7.59 5.64
N GLN A 37 -17.23 -8.03 5.47
CA GLN A 37 -18.34 -7.40 6.17
C GLN A 37 -18.00 -7.27 7.66
N ASP A 38 -17.40 -8.31 8.24
CA ASP A 38 -17.05 -8.31 9.68
C ASP A 38 -15.94 -7.32 10.02
N PHE A 39 -14.94 -7.27 9.14
CA PHE A 39 -13.83 -6.33 9.25
C PHE A 39 -14.32 -4.89 9.16
N VAL A 40 -15.11 -4.58 8.13
CA VAL A 40 -15.66 -3.24 7.95
C VAL A 40 -16.58 -2.79 9.08
N GLN A 41 -17.35 -3.70 9.67
CA GLN A 41 -18.23 -3.28 10.75
C GLN A 41 -17.43 -2.97 12.00
N HIS A 42 -16.23 -3.56 12.11
CA HIS A 42 -15.40 -3.32 13.29
C HIS A 42 -14.84 -1.88 13.35
N PHE A 43 -14.84 -1.18 12.21
CA PHE A 43 -14.40 0.22 12.13
C PHE A 43 -15.12 1.19 13.07
N SER A 44 -16.37 0.91 13.38
CA SER A 44 -17.11 1.77 14.28
C SER A 44 -16.54 1.68 15.68
N GLN A 45 -16.06 0.49 16.06
CA GLN A 45 -15.66 0.27 17.45
C GLN A 45 -14.34 1.02 17.63
N ILE A 46 -13.41 0.71 16.73
CA ILE A 46 -12.21 1.50 16.53
C ILE A 46 -12.40 3.02 16.69
N VAL A 47 -13.40 3.58 16.04
CA VAL A 47 -13.69 4.99 16.21
C VAL A 47 -14.34 5.32 17.56
N ARG A 48 -15.26 4.49 18.06
CA ARG A 48 -15.86 4.76 19.39
C ARG A 48 -14.73 4.72 20.43
N VAL A 49 -13.68 3.96 20.13
CA VAL A 49 -12.60 3.73 21.06
C VAL A 49 -11.53 4.83 21.02
N LEU A 50 -11.13 5.24 19.82
CA LEU A 50 -10.19 6.37 19.67
C LEU A 50 -10.79 7.71 20.05
N THR A 51 -12.10 7.76 20.24
CA THR A 51 -12.77 8.97 20.72
C THR A 51 -13.37 8.77 22.09
N GLU A 52 -12.82 7.84 22.85
CA GLU A 52 -13.17 7.70 24.25
C GLU A 52 -12.11 8.43 25.11
N ASP A 53 -11.16 9.09 24.45
CA ASP A 53 -10.15 9.95 25.10
C ASP A 53 -10.79 11.27 25.60
N GLU A 54 -11.91 11.67 24.99
CA GLU A 54 -12.69 12.84 25.45
C GLU A 54 -13.63 12.44 26.59
N MET A 55 -13.81 11.14 26.81
CA MET A 55 -14.47 10.63 27.99
C MET A 55 -13.51 10.64 29.21
N GLY A 56 -12.37 11.32 29.07
CA GLY A 56 -11.51 11.70 30.20
C GLY A 56 -11.03 13.15 30.16
N HIS A 57 -11.04 13.76 28.96
CA HIS A 57 -10.46 15.10 28.73
C HIS A 57 -11.35 15.96 27.81
N PRO A 58 -12.45 16.52 28.33
CA PRO A 58 -13.39 17.31 27.50
C PRO A 58 -12.78 18.49 26.73
N GLU A 59 -11.69 19.06 27.24
CA GLU A 59 -11.00 20.20 26.59
C GLU A 59 -10.42 19.92 25.18
N ILE A 60 -10.32 18.65 24.79
CA ILE A 60 -9.89 18.32 23.44
C ILE A 60 -11.00 17.80 22.50
N GLY A 61 -12.26 18.09 22.82
CA GLY A 61 -13.40 17.51 22.08
C GLY A 61 -13.23 17.73 20.60
N ASP A 62 -13.02 19.00 20.24
CA ASP A 62 -12.97 19.45 18.86
C ASP A 62 -11.88 18.74 18.09
N ALA A 63 -10.78 18.43 18.77
CA ALA A 63 -9.66 17.73 18.15
C ALA A 63 -10.00 16.29 17.92
N ILE A 64 -10.83 15.74 18.80
CA ILE A 64 -11.28 14.38 18.62
C ILE A 64 -12.26 14.34 17.48
N ALA A 65 -13.24 15.24 17.50
CA ALA A 65 -14.15 15.42 16.38
C ALA A 65 -13.39 15.43 15.06
N ARG A 66 -12.38 16.27 14.98
CA ARG A 66 -11.62 16.38 13.73
C ARG A 66 -10.99 15.06 13.37
N LEU A 67 -10.48 14.36 14.39
CA LEU A 67 -9.86 13.03 14.22
C LEU A 67 -10.86 11.98 13.63
N LYS A 68 -12.03 11.90 14.25
CA LYS A 68 -13.13 11.10 13.70
C LYS A 68 -13.25 11.38 12.22
N GLU A 69 -13.40 12.65 11.90
CA GLU A 69 -13.64 13.07 10.56
C GLU A 69 -12.56 12.61 9.61
N VAL A 70 -11.32 12.80 10.04
CA VAL A 70 -10.17 12.37 9.27
C VAL A 70 -10.26 10.88 8.97
N LEU A 71 -10.49 10.10 10.02
CA LEU A 71 -10.64 8.61 9.93
C LEU A 71 -11.72 8.17 8.94
N GLU A 72 -12.93 8.74 9.15
CA GLU A 72 -14.09 8.48 8.29
C GLU A 72 -13.69 8.72 6.83
N TYR A 73 -13.01 9.83 6.57
CA TYR A 73 -12.75 10.21 5.19
C TYR A 73 -11.59 9.43 4.59
N ASN A 74 -10.61 9.06 5.41
CA ASN A 74 -9.32 8.58 4.88
C ASN A 74 -8.98 7.13 5.13
N ALA A 75 -9.74 6.51 6.03
CA ALA A 75 -9.56 5.09 6.37
C ALA A 75 -10.51 4.13 5.60
N ILE A 76 -11.45 4.71 4.87
CA ILE A 76 -12.57 4.03 4.28
C ILE A 76 -12.52 4.20 2.78
N GLY A 77 -13.03 3.20 2.08
CA GLY A 77 -13.32 3.32 0.66
C GLY A 77 -12.31 2.58 -0.18
N GLY A 78 -11.27 2.05 0.44
CA GLY A 78 -10.27 1.26 -0.33
C GLY A 78 -10.71 -0.19 -0.37
N LYS A 79 -9.87 -1.03 -0.98
CA LYS A 79 -10.13 -2.45 -1.05
C LYS A 79 -10.01 -3.18 0.29
N TYR A 80 -9.11 -2.71 1.14
CA TYR A 80 -8.83 -3.27 2.47
C TYR A 80 -8.00 -4.54 2.36
N ASN A 81 -7.36 -4.76 1.22
CA ASN A 81 -6.52 -5.92 1.10
C ASN A 81 -5.65 -6.11 2.34
N ARG A 82 -4.99 -5.06 2.80
CA ARG A 82 -3.92 -5.24 3.79
C ARG A 82 -4.46 -5.64 5.15
N GLY A 83 -5.51 -4.95 5.56
CA GLY A 83 -6.15 -5.23 6.84
C GLY A 83 -6.73 -6.63 6.84
N LEU A 84 -7.49 -6.96 5.80
CA LEU A 84 -8.03 -8.29 5.66
C LEU A 84 -6.91 -9.31 5.61
N THR A 85 -5.79 -8.98 4.98
CA THR A 85 -4.76 -9.99 4.92
C THR A 85 -4.25 -10.31 6.31
N VAL A 86 -4.42 -9.42 7.27
CA VAL A 86 -3.95 -9.66 8.64
C VAL A 86 -4.89 -10.68 9.26
N VAL A 87 -6.16 -10.52 8.98
CA VAL A 87 -7.19 -11.34 9.58
C VAL A 87 -7.30 -12.74 8.92
N VAL A 88 -7.26 -12.77 7.61
CA VAL A 88 -7.20 -14.05 6.91
C VAL A 88 -6.01 -14.86 7.41
N ALA A 89 -4.83 -14.25 7.46
CA ALA A 89 -3.62 -14.99 7.87
C ALA A 89 -3.70 -15.47 9.31
N PHE A 90 -4.52 -14.82 10.12
CA PHE A 90 -4.73 -15.20 11.50
C PHE A 90 -5.55 -16.50 11.64
N ARG A 91 -6.73 -16.52 11.01
CA ARG A 91 -7.51 -17.75 10.83
C ARG A 91 -6.59 -18.92 10.54
N GLU A 92 -5.75 -18.74 9.53
CA GLU A 92 -5.00 -19.81 8.93
C GLU A 92 -3.76 -20.25 9.72
N LEU A 93 -3.45 -19.53 10.79
CA LEU A 93 -2.24 -19.82 11.54
C LEU A 93 -2.48 -20.12 13.01
N VAL A 94 -3.64 -19.75 13.55
CA VAL A 94 -3.98 -20.08 14.91
C VAL A 94 -4.91 -21.30 14.89
N GLU A 95 -4.63 -22.27 15.76
CA GLU A 95 -5.50 -23.43 16.00
C GLU A 95 -6.82 -22.91 16.60
N PRO A 96 -7.96 -23.14 15.91
CA PRO A 96 -9.30 -22.53 16.24
C PRO A 96 -9.74 -22.62 17.70
N ARG A 97 -9.11 -23.53 18.46
CA ARG A 97 -9.23 -23.58 19.92
C ARG A 97 -8.76 -22.23 20.44
N LYS A 98 -7.53 -21.86 20.07
CA LYS A 98 -6.91 -20.60 20.50
C LYS A 98 -7.57 -19.31 19.94
N GLN A 99 -8.55 -19.44 19.04
CA GLN A 99 -9.27 -18.27 18.51
C GLN A 99 -10.48 -17.84 19.30
N ASP A 100 -10.31 -17.55 20.59
CA ASP A 100 -11.39 -16.94 21.40
C ASP A 100 -11.82 -15.55 20.86
N ALA A 101 -13.00 -15.12 21.31
CA ALA A 101 -13.58 -13.85 20.88
C ALA A 101 -12.54 -12.73 20.88
N ASP A 102 -11.81 -12.60 21.99
CA ASP A 102 -10.80 -11.56 22.11
C ASP A 102 -9.63 -11.74 21.17
N SER A 103 -9.17 -12.97 20.99
CA SER A 103 -8.13 -13.19 20.00
C SER A 103 -8.50 -12.57 18.65
N LEU A 104 -9.78 -12.69 18.26
CA LEU A 104 -10.25 -12.21 16.96
C LEU A 104 -10.31 -10.69 16.95
N GLN A 105 -11.06 -10.14 17.89
CA GLN A 105 -11.11 -8.71 18.09
C GLN A 105 -9.73 -8.04 17.99
N ARG A 106 -8.71 -8.64 18.57
CA ARG A 106 -7.37 -8.07 18.51
C ARG A 106 -6.88 -8.13 17.08
N ALA A 107 -7.12 -9.25 16.42
CA ALA A 107 -6.68 -9.38 15.05
C ALA A 107 -7.40 -8.40 14.13
N TRP A 108 -8.66 -8.08 14.42
CA TRP A 108 -9.39 -7.07 13.62
C TRP A 108 -8.61 -5.77 13.74
N THR A 109 -8.10 -5.49 14.95
CA THR A 109 -7.48 -4.21 15.28
C THR A 109 -6.16 -4.09 14.61
N VAL A 110 -5.30 -5.08 14.78
CA VAL A 110 -4.04 -5.02 14.10
C VAL A 110 -4.35 -4.85 12.62
N GLY A 111 -5.43 -5.48 12.16
CA GLY A 111 -5.82 -5.36 10.75
C GLY A 111 -6.07 -3.90 10.44
N TRP A 112 -6.91 -3.28 11.25
CA TRP A 112 -7.16 -1.89 11.12
C TRP A 112 -5.90 -1.04 11.30
N CYS A 113 -5.01 -1.42 12.22
CA CYS A 113 -3.76 -0.70 12.37
C CYS A 113 -3.03 -0.62 11.04
N VAL A 114 -3.08 -1.67 10.23
CA VAL A 114 -2.38 -1.56 8.92
C VAL A 114 -3.11 -0.64 7.94
N GLU A 115 -4.41 -0.47 8.16
CA GLU A 115 -5.21 0.38 7.27
C GLU A 115 -4.96 1.86 7.62
N LEU A 116 -4.79 2.12 8.91
CA LEU A 116 -4.35 3.43 9.35
C LEU A 116 -2.96 3.72 8.74
N LEU A 117 -2.00 2.83 8.86
CA LEU A 117 -0.72 3.08 8.22
C LEU A 117 -0.97 3.56 6.83
N GLN A 118 -1.80 2.78 6.10
CA GLN A 118 -2.09 3.08 4.71
C GLN A 118 -2.67 4.47 4.61
N ALA A 119 -3.63 4.80 5.47
CA ALA A 119 -4.33 6.01 5.37
C ALA A 119 -3.34 7.18 5.46
N PHE A 120 -2.41 7.05 6.37
CA PHE A 120 -1.47 8.08 6.69
C PHE A 120 -0.56 8.28 5.48
N PHE A 121 -0.07 7.20 4.90
CA PHE A 121 0.76 7.35 3.70
C PHE A 121 0.00 8.02 2.54
N LEU A 122 -1.25 7.65 2.33
CA LEU A 122 -1.98 8.19 1.21
C LEU A 122 -2.28 9.66 1.39
N VAL A 123 -2.77 10.06 2.55
CA VAL A 123 -3.10 11.46 2.74
C VAL A 123 -1.91 12.35 2.37
N ALA A 124 -0.73 11.91 2.76
CA ALA A 124 0.46 12.66 2.55
C ALA A 124 1.13 12.42 1.18
N ASP A 125 1.08 11.21 0.63
CA ASP A 125 1.57 10.97 -0.78
C ASP A 125 0.73 11.78 -1.84
N ASP A 126 -0.55 12.04 -1.54
CA ASP A 126 -1.40 12.86 -2.40
C ASP A 126 -0.96 14.35 -2.46
N ILE A 127 -0.56 14.89 -1.34
CA ILE A 127 0.04 16.21 -1.32
C ILE A 127 1.36 16.20 -2.09
N MET A 128 2.23 15.28 -1.73
CA MET A 128 3.52 15.19 -2.39
C MET A 128 3.41 14.89 -3.87
N ASP A 129 2.37 14.21 -4.30
CA ASP A 129 2.27 13.80 -5.70
C ASP A 129 1.34 14.73 -6.49
N SER A 130 0.73 15.69 -5.79
CA SER A 130 -0.16 16.72 -6.38
C SER A 130 -1.34 16.05 -7.03
N SER A 131 -1.81 14.99 -6.39
CA SER A 131 -2.90 14.19 -6.89
C SER A 131 -4.23 14.89 -6.66
N LEU A 132 -5.27 14.49 -7.41
CA LEU A 132 -6.59 15.13 -7.30
C LEU A 132 -7.66 14.33 -6.53
N THR A 133 -7.63 13.00 -6.68
CA THR A 133 -8.69 12.13 -6.19
C THR A 133 -8.10 10.82 -5.68
N ARG A 134 -8.77 10.25 -4.70
CA ARG A 134 -8.33 8.99 -4.09
C ARG A 134 -9.58 8.21 -3.67
N ARG A 135 -9.61 6.92 -3.99
CA ARG A 135 -10.77 6.11 -3.67
C ARG A 135 -12.07 6.82 -4.12
N GLY A 136 -12.03 7.39 -5.34
CA GLY A 136 -13.21 7.98 -5.96
C GLY A 136 -13.84 9.14 -5.22
N GLN A 137 -13.06 9.84 -4.41
CA GLN A 137 -13.42 11.19 -4.00
C GLN A 137 -12.19 12.06 -4.05
N ILE A 138 -12.45 13.35 -3.90
CA ILE A 138 -11.38 14.33 -3.89
C ILE A 138 -10.45 14.09 -2.67
N CYS A 139 -9.15 14.23 -2.97
CA CYS A 139 -8.09 14.01 -2.00
C CYS A 139 -8.30 14.93 -0.81
N TRP A 140 -8.01 14.43 0.39
CA TRP A 140 -8.30 15.13 1.63
C TRP A 140 -7.73 16.54 1.62
N TYR A 141 -6.51 16.72 1.12
CA TYR A 141 -5.90 18.04 1.15
C TYR A 141 -6.52 19.07 0.20
N GLN A 142 -7.11 18.57 -0.89
CA GLN A 142 -7.82 19.43 -1.82
C GLN A 142 -9.17 19.84 -1.27
N LYS A 143 -9.67 19.23 -0.21
CA LYS A 143 -10.92 19.70 0.31
C LYS A 143 -10.77 21.16 0.66
N PRO A 144 -11.79 21.96 0.34
CA PRO A 144 -11.90 23.31 0.91
C PRO A 144 -11.74 23.25 2.41
N GLY A 145 -10.83 24.07 2.94
CA GLY A 145 -10.67 24.21 4.38
C GLY A 145 -9.71 23.20 5.03
N VAL A 146 -8.92 22.49 4.24
CA VAL A 146 -7.98 21.54 4.79
C VAL A 146 -6.57 21.86 4.32
N GLY A 147 -6.35 21.79 3.02
CA GLY A 147 -5.04 22.05 2.48
C GLY A 147 -3.98 21.36 3.30
N LEU A 148 -3.07 22.15 3.84
CA LEU A 148 -1.85 21.58 4.38
C LEU A 148 -1.92 21.23 5.84
N ASP A 149 -3.01 21.59 6.51
CA ASP A 149 -3.40 20.93 7.74
C ASP A 149 -3.44 19.36 7.57
N ALA A 150 -3.54 18.93 6.31
CA ALA A 150 -3.48 17.55 5.98
C ALA A 150 -2.28 16.87 6.57
N ILE A 151 -1.19 17.61 6.75
CA ILE A 151 0.06 17.04 7.23
C ILE A 151 -0.09 16.63 8.69
N ASN A 152 -0.86 17.38 9.47
CA ASN A 152 -1.10 16.96 10.84
C ASN A 152 -2.05 15.76 10.80
N ASP A 153 -3.20 15.96 10.13
CA ASP A 153 -4.20 14.91 9.92
C ASP A 153 -3.50 13.57 9.62
N ALA A 154 -2.64 13.53 8.62
CA ALA A 154 -1.91 12.32 8.35
C ALA A 154 -1.23 11.72 9.59
N ASN A 155 -0.45 12.54 10.31
CA ASN A 155 0.35 12.01 11.42
C ASN A 155 -0.51 11.58 12.58
N LEU A 156 -1.64 12.24 12.79
CA LEU A 156 -2.61 11.71 13.75
C LEU A 156 -2.99 10.28 13.38
N LEU A 157 -3.17 10.01 12.08
CA LEU A 157 -3.50 8.67 11.69
C LEU A 157 -2.37 7.74 12.05
N GLU A 158 -1.12 8.16 11.88
CA GLU A 158 0.00 7.28 12.29
C GLU A 158 -0.08 7.01 13.78
N ALA A 159 -0.35 8.05 14.54
CA ALA A 159 -0.43 7.93 15.98
C ALA A 159 -1.39 6.85 16.41
N CYS A 160 -2.51 6.75 15.70
CA CYS A 160 -3.64 5.96 16.19
C CYS A 160 -3.30 4.46 16.25
N ILE A 161 -2.42 4.06 15.34
CA ILE A 161 -1.90 2.71 15.32
C ILE A 161 -1.44 2.32 16.71
N TYR A 162 -0.54 3.11 17.27
CA TYR A 162 0.18 2.72 18.48
C TYR A 162 -0.72 2.89 19.69
N ARG A 163 -1.65 3.83 19.61
CA ARG A 163 -2.73 3.90 20.62
C ARG A 163 -3.62 2.64 20.65
N LEU A 164 -3.83 1.99 19.49
CA LEU A 164 -4.62 0.75 19.42
C LEU A 164 -3.81 -0.44 19.92
N LEU A 165 -2.58 -0.56 19.43
CA LEU A 165 -1.69 -1.59 19.92
C LEU A 165 -1.65 -1.54 21.45
N LYS A 166 -1.51 -0.36 22.04
CA LYS A 166 -1.46 -0.26 23.49
C LYS A 166 -2.78 -0.77 24.08
N LEU A 167 -3.91 -0.35 23.51
CA LEU A 167 -5.21 -0.54 24.15
C LEU A 167 -5.78 -1.94 24.02
N TYR A 168 -5.21 -2.72 23.12
CA TYR A 168 -5.74 -4.05 22.79
C TYR A 168 -4.72 -5.17 23.00
N CYS A 169 -3.46 -4.93 22.62
CA CYS A 169 -2.40 -5.94 22.70
C CYS A 169 -1.37 -5.68 23.81
N ARG A 170 -1.70 -4.81 24.78
CA ARG A 170 -0.70 -4.38 25.80
C ARG A 170 -0.16 -5.59 26.56
N GLU A 171 -1.06 -6.49 26.94
CA GLU A 171 -0.70 -7.63 27.80
C GLU A 171 -0.18 -8.87 27.02
N GLN A 172 0.05 -8.78 25.71
CA GLN A 172 0.35 -9.97 24.91
C GLN A 172 1.82 -10.20 24.76
N PRO A 173 2.23 -11.46 24.57
CA PRO A 173 3.67 -11.70 24.35
C PRO A 173 4.27 -11.04 23.11
N TYR A 174 3.42 -10.68 22.14
CA TYR A 174 3.92 -10.19 20.83
C TYR A 174 4.00 -8.64 20.73
N TYR A 175 3.39 -7.94 21.67
CA TYR A 175 3.33 -6.48 21.67
C TYR A 175 4.56 -5.78 21.08
N LEU A 176 5.69 -5.92 21.76
CA LEU A 176 6.93 -5.30 21.29
C LEU A 176 7.28 -5.69 19.86
N ASN A 177 7.04 -6.94 19.49
CA ASN A 177 7.34 -7.37 18.12
C ASN A 177 6.52 -6.62 17.09
N LEU A 178 5.27 -6.37 17.43
CA LEU A 178 4.39 -5.65 16.56
C LEU A 178 4.77 -4.17 16.48
N ILE A 179 5.18 -3.59 17.61
CA ILE A 179 5.50 -2.19 17.63
C ILE A 179 6.72 -1.98 16.79
N GLU A 180 7.70 -2.85 16.95
CA GLU A 180 8.90 -2.75 16.16
C GLU A 180 8.56 -3.01 14.74
N LEU A 181 7.59 -3.89 14.49
CA LEU A 181 7.26 -4.24 13.12
C LEU A 181 6.70 -3.01 12.39
N PHE A 182 5.70 -2.35 12.98
CA PHE A 182 5.09 -1.19 12.36
C PHE A 182 6.07 -0.03 12.07
N LEU A 183 6.62 0.54 13.12
CA LEU A 183 7.77 1.47 13.01
C LEU A 183 8.84 1.08 11.99
N GLN A 184 9.31 -0.13 12.11
CA GLN A 184 10.39 -0.59 11.24
C GLN A 184 9.88 -0.48 9.82
N SER A 185 8.65 -0.94 9.59
CA SER A 185 8.06 -0.93 8.27
C SER A 185 7.78 0.49 7.80
N SER A 186 7.28 1.37 8.67
CA SER A 186 7.22 2.81 8.39
C SER A 186 8.52 3.34 7.87
N TYR A 187 9.60 3.11 8.60
CA TYR A 187 10.92 3.63 8.24
C TYR A 187 11.35 3.14 6.84
N GLN A 188 11.19 1.86 6.55
CA GLN A 188 11.61 1.39 5.24
C GLN A 188 10.79 2.01 4.15
N THR A 189 9.57 2.37 4.49
CA THR A 189 8.62 2.88 3.52
C THR A 189 8.94 4.36 3.26
N GLU A 190 9.37 5.07 4.30
CA GLU A 190 9.84 6.45 4.11
C GLU A 190 11.13 6.43 3.36
N ILE A 191 11.93 5.41 3.58
CA ILE A 191 13.17 5.36 2.83
C ILE A 191 12.82 5.25 1.38
N GLY A 192 11.90 4.33 1.09
CA GLY A 192 11.46 4.09 -0.28
C GLY A 192 10.85 5.33 -0.92
N GLN A 193 9.97 6.03 -0.20
CA GLN A 193 9.46 7.32 -0.63
C GLN A 193 10.54 8.34 -0.99
N THR A 194 11.57 8.45 -0.17
CA THR A 194 12.70 9.31 -0.45
C THR A 194 13.26 9.01 -1.83
N LEU A 195 13.48 7.76 -2.15
CA LEU A 195 14.04 7.44 -3.48
C LEU A 195 13.07 7.78 -4.62
N ASP A 196 11.80 7.48 -4.38
CA ASP A 196 10.76 7.80 -5.34
C ASP A 196 10.86 9.28 -5.75
N LEU A 197 11.16 10.13 -4.77
CA LEU A 197 11.17 11.58 -4.95
C LEU A 197 12.48 12.08 -5.49
N LEU A 198 13.61 11.59 -4.96
CA LEU A 198 14.95 11.91 -5.51
C LEU A 198 15.13 11.50 -6.94
N THR A 199 14.34 10.56 -7.40
CA THR A 199 14.54 9.98 -8.70
C THR A 199 13.60 10.66 -9.69
N ALA A 200 12.69 11.47 -9.16
CA ALA A 200 11.65 12.16 -9.92
C ALA A 200 11.58 13.64 -9.52
N PRO A 201 12.68 14.40 -9.74
CA PRO A 201 12.69 15.85 -9.43
C PRO A 201 11.88 16.71 -10.42
N GLN A 202 10.99 17.53 -9.88
CA GLN A 202 10.13 18.44 -10.63
C GLN A 202 10.93 19.30 -11.62
N GLY A 203 10.44 19.36 -12.85
CA GLY A 203 11.02 20.27 -13.84
C GLY A 203 12.45 19.94 -14.20
N ASN A 204 12.82 18.69 -14.02
CA ASN A 204 14.16 18.23 -14.36
C ASN A 204 14.06 16.85 -14.99
N VAL A 205 13.91 16.82 -16.31
CA VAL A 205 13.73 15.56 -17.03
C VAL A 205 15.08 14.97 -17.36
N ASP A 206 15.67 14.26 -16.39
CA ASP A 206 16.74 13.32 -16.69
C ASP A 206 16.21 11.88 -16.61
N LEU A 207 16.55 11.09 -17.65
CA LEU A 207 16.08 9.72 -17.85
C LEU A 207 17.21 8.69 -17.79
N VAL A 208 18.45 9.16 -17.64
CA VAL A 208 19.57 8.31 -17.25
C VAL A 208 19.12 7.58 -16.00
N ARG A 209 18.68 8.38 -15.03
CA ARG A 209 18.13 7.92 -13.75
C ARG A 209 17.14 6.74 -13.73
N PHE A 210 16.33 6.60 -14.79
CA PHE A 210 15.20 5.65 -14.86
C PHE A 210 15.61 4.28 -15.34
N THR A 211 16.14 3.44 -14.44
CA THR A 211 16.62 2.09 -14.79
C THR A 211 15.83 0.96 -14.11
N GLU A 212 16.09 -0.27 -14.55
CA GLU A 212 15.52 -1.46 -13.91
C GLU A 212 15.97 -1.61 -12.44
N LYS A 213 17.28 -1.50 -12.21
CA LYS A 213 17.84 -1.73 -10.86
C LYS A 213 17.22 -0.76 -9.85
N ARG A 214 17.16 0.51 -10.24
CA ARG A 214 16.61 1.58 -9.42
C ARG A 214 15.13 1.35 -9.11
N TYR A 215 14.39 0.96 -10.15
CA TYR A 215 12.96 0.68 -10.01
C TYR A 215 12.76 -0.40 -8.95
N LYS A 216 13.51 -1.49 -9.03
CA LYS A 216 13.33 -2.61 -8.10
C LYS A 216 13.51 -2.15 -6.66
N SER A 217 14.59 -1.41 -6.43
CA SER A 217 14.88 -0.84 -5.13
C SER A 217 13.74 0.05 -4.67
N ILE A 218 13.24 0.88 -5.56
CA ILE A 218 12.23 1.79 -5.11
C ILE A 218 11.04 1.01 -4.55
N VAL A 219 10.53 0.05 -5.31
CA VAL A 219 9.21 -0.50 -5.00
C VAL A 219 9.31 -1.46 -3.82
N LYS A 220 10.47 -2.07 -3.72
CA LYS A 220 10.83 -2.89 -2.57
C LYS A 220 10.58 -2.13 -1.29
N TYR A 221 11.11 -0.91 -1.23
CA TYR A 221 11.02 -0.14 0.00
C TYR A 221 9.69 0.55 0.16
N LYS A 222 9.20 1.16 -0.91
CA LYS A 222 7.99 1.95 -0.76
C LYS A 222 6.73 1.14 -0.67
N THR A 223 6.71 -0.06 -1.25
CA THR A 223 5.44 -0.78 -1.29
C THR A 223 5.44 -2.13 -0.61
N ALA A 224 6.48 -2.91 -0.91
CA ALA A 224 6.49 -4.32 -0.57
C ALA A 224 6.53 -4.64 0.93
N PHE A 225 7.42 -3.98 1.68
CA PHE A 225 7.47 -4.24 3.11
C PHE A 225 6.17 -4.00 3.81
N TYR A 226 5.48 -2.91 3.53
CA TYR A 226 4.30 -2.56 4.34
C TYR A 226 3.01 -3.11 3.79
N SER A 227 2.97 -3.42 2.49
CA SER A 227 1.71 -3.86 1.89
C SER A 227 1.61 -5.37 1.92
N PHE A 228 2.76 -6.03 1.96
CA PHE A 228 2.82 -7.47 1.88
C PHE A 228 3.50 -8.16 3.08
N TYR A 229 4.77 -7.88 3.41
CA TYR A 229 5.36 -8.45 4.62
C TYR A 229 4.62 -7.98 5.88
N LEU A 230 4.65 -6.70 6.16
CA LEU A 230 3.99 -6.21 7.35
C LEU A 230 2.73 -7.01 7.73
N PRO A 231 1.71 -7.04 6.88
CA PRO A 231 0.51 -7.68 7.40
C PRO A 231 0.63 -9.20 7.66
N ILE A 232 1.37 -9.95 6.85
CA ILE A 232 1.51 -11.37 7.11
C ILE A 232 2.31 -11.58 8.41
N ALA A 233 3.43 -10.90 8.54
CA ALA A 233 4.32 -11.11 9.68
C ALA A 233 3.65 -10.73 10.97
N ALA A 234 2.69 -9.83 10.87
CA ALA A 234 1.98 -9.38 12.05
C ALA A 234 1.14 -10.50 12.47
N ALA A 235 0.59 -11.23 11.50
CA ALA A 235 -0.24 -12.38 11.83
C ALA A 235 0.61 -13.51 12.41
N MET A 236 1.77 -13.77 11.81
CA MET A 236 2.76 -14.65 12.37
C MET A 236 3.19 -14.28 13.81
N TYR A 237 3.54 -13.02 14.08
CA TYR A 237 3.90 -12.66 15.44
C TYR A 237 2.76 -12.98 16.38
N MET A 238 1.55 -12.71 15.94
CA MET A 238 0.36 -12.92 16.78
C MET A 238 0.08 -14.40 17.08
N ALA A 239 0.69 -15.28 16.30
CA ALA A 239 0.52 -16.70 16.46
C ALA A 239 1.80 -17.31 17.03
N GLY A 240 2.54 -16.54 17.83
CA GLY A 240 3.81 -17.01 18.34
C GLY A 240 4.86 -17.48 17.32
N ILE A 241 4.69 -17.23 16.02
CA ILE A 241 5.74 -17.65 15.05
C ILE A 241 6.66 -16.49 14.87
N ASP A 242 7.65 -16.41 15.73
CA ASP A 242 8.57 -15.26 15.74
C ASP A 242 9.95 -15.62 15.23
N GLY A 243 10.12 -16.78 14.62
CA GLY A 243 11.46 -17.23 14.22
C GLY A 243 12.04 -16.41 13.10
N GLU A 244 13.29 -16.00 13.24
CA GLU A 244 14.00 -15.38 12.12
C GLU A 244 13.74 -16.09 10.76
N LYS A 245 13.99 -17.41 10.65
CA LYS A 245 13.93 -18.06 9.32
C LYS A 245 12.48 -18.19 8.74
N GLU A 246 11.50 -18.32 9.63
CA GLU A 246 10.08 -18.34 9.24
C GLU A 246 9.65 -16.98 8.60
N HIS A 247 10.23 -15.88 9.10
CA HIS A 247 9.95 -14.52 8.59
C HIS A 247 10.76 -14.23 7.36
N ALA A 248 11.96 -14.77 7.31
CA ALA A 248 12.85 -14.58 6.15
C ALA A 248 12.30 -15.23 4.89
N ASN A 249 11.81 -16.45 5.03
CA ASN A 249 11.18 -17.15 3.93
C ASN A 249 9.91 -16.52 3.45
N ALA A 250 9.01 -16.24 4.38
CA ALA A 250 7.82 -15.52 4.08
C ALA A 250 8.17 -14.27 3.25
N LYS A 251 9.15 -13.53 3.74
CA LYS A 251 9.57 -12.29 3.11
C LYS A 251 10.01 -12.54 1.67
N LYS A 252 10.79 -13.59 1.41
CA LYS A 252 11.26 -13.79 0.02
C LYS A 252 10.03 -13.79 -0.89
N ILE A 253 8.98 -14.47 -0.45
CA ILE A 253 7.74 -14.51 -1.20
C ILE A 253 7.08 -13.13 -1.27
N LEU A 254 6.73 -12.60 -0.11
CA LEU A 254 5.90 -11.43 -0.03
C LEU A 254 6.55 -10.15 -0.66
N LEU A 255 7.88 -10.10 -0.74
CA LEU A 255 8.55 -8.97 -1.38
C LEU A 255 8.40 -8.97 -2.91
N GLU A 256 8.62 -10.13 -3.54
CA GLU A 256 8.41 -10.26 -4.99
C GLU A 256 6.93 -10.00 -5.35
N MET A 257 6.04 -10.46 -4.50
CA MET A 257 4.63 -10.18 -4.65
C MET A 257 4.40 -8.67 -4.69
N GLY A 258 5.04 -7.97 -3.77
CA GLY A 258 4.95 -6.50 -3.69
C GLY A 258 5.46 -5.78 -4.92
N GLU A 259 6.61 -6.19 -5.41
CA GLU A 259 7.15 -5.65 -6.64
C GLU A 259 6.03 -5.70 -7.68
N PHE A 260 5.53 -6.90 -7.96
CA PHE A 260 4.48 -7.13 -8.96
C PHE A 260 3.30 -6.18 -8.72
N PHE A 261 2.91 -6.04 -7.47
CA PHE A 261 1.77 -5.20 -7.16
C PHE A 261 2.00 -3.71 -7.49
N GLN A 262 3.24 -3.25 -7.47
CA GLN A 262 3.48 -1.81 -7.64
C GLN A 262 3.56 -1.50 -9.12
N ILE A 263 4.11 -2.47 -9.86
CA ILE A 263 4.00 -2.50 -11.31
C ILE A 263 2.56 -2.45 -11.78
N GLN A 264 1.70 -3.29 -11.22
CA GLN A 264 0.28 -3.15 -11.43
C GLN A 264 -0.12 -1.70 -11.19
N ASP A 265 0.24 -1.16 -10.03
CA ASP A 265 -0.09 0.23 -9.66
C ASP A 265 0.41 1.29 -10.67
N ASP A 266 1.58 1.04 -11.27
CA ASP A 266 2.11 1.97 -12.26
C ASP A 266 1.35 1.90 -13.58
N TYR A 267 0.95 0.66 -13.96
CA TYR A 267 0.13 0.42 -15.15
C TYR A 267 -1.24 1.10 -15.08
N LEU A 268 -1.85 1.02 -13.92
CA LEU A 268 -3.20 1.57 -13.72
C LEU A 268 -3.16 3.06 -13.62
N ASP A 269 -2.01 3.62 -13.25
CA ASP A 269 -1.91 5.04 -13.12
C ASP A 269 -2.39 5.64 -14.45
N LEU A 270 -1.84 5.10 -15.53
CA LEU A 270 -2.14 5.53 -16.91
C LEU A 270 -3.31 4.79 -17.58
N PHE A 271 -3.25 3.46 -17.56
CA PHE A 271 -4.17 2.62 -18.31
C PHE A 271 -5.40 2.12 -17.57
N GLY A 272 -5.61 2.55 -16.35
CA GLY A 272 -6.76 2.10 -15.62
C GLY A 272 -7.95 2.93 -15.93
N ASP A 273 -9.01 2.70 -15.19
CA ASP A 273 -10.26 3.38 -15.33
C ASP A 273 -10.43 4.17 -14.04
N PRO A 274 -10.37 5.50 -14.12
CA PRO A 274 -10.68 6.33 -12.95
C PRO A 274 -12.06 6.11 -12.34
N SER A 275 -13.01 5.60 -13.13
CA SER A 275 -14.30 5.14 -12.58
C SER A 275 -14.04 4.01 -11.57
N VAL A 276 -13.00 3.21 -11.83
CA VAL A 276 -12.69 1.98 -11.08
C VAL A 276 -11.54 2.11 -10.04
N THR A 277 -10.38 2.58 -10.49
CA THR A 277 -9.24 2.81 -9.58
C THR A 277 -9.55 3.85 -8.49
N GLY A 278 -10.51 4.73 -8.77
CA GLY A 278 -10.89 5.79 -7.83
C GLY A 278 -9.89 6.96 -7.79
N LYS A 279 -8.91 6.93 -8.71
CA LYS A 279 -7.87 7.94 -8.73
C LYS A 279 -7.36 8.22 -10.13
N ILE A 280 -7.10 9.51 -10.35
CA ILE A 280 -6.52 10.00 -11.57
C ILE A 280 -5.04 9.91 -11.48
N GLY A 281 -4.40 9.52 -12.58
CA GLY A 281 -2.94 9.39 -12.65
C GLY A 281 -2.09 10.68 -12.74
N THR A 282 -0.78 10.51 -12.48
CA THR A 282 0.22 11.61 -12.42
C THR A 282 1.68 11.19 -12.67
N ASP A 283 1.99 9.90 -12.81
CA ASP A 283 3.37 9.49 -12.92
C ASP A 283 4.09 10.35 -13.97
N ILE A 284 3.45 10.61 -15.10
CA ILE A 284 4.12 11.37 -16.20
C ILE A 284 4.35 12.83 -15.84
N GLN A 285 3.28 13.49 -15.41
CA GLN A 285 3.36 14.85 -14.94
C GLN A 285 4.45 14.97 -13.86
N ASP A 286 4.37 14.09 -12.86
CA ASP A 286 5.32 14.09 -11.74
C ASP A 286 6.68 13.48 -12.07
N ASN A 287 6.94 13.16 -13.33
CA ASN A 287 8.29 12.76 -13.70
C ASN A 287 8.75 11.48 -12.93
N LYS A 288 7.85 10.51 -12.80
CA LYS A 288 8.11 9.31 -11.98
C LYS A 288 8.81 8.18 -12.66
N CYS A 289 9.58 7.46 -11.87
CA CYS A 289 10.25 6.24 -12.31
C CYS A 289 9.23 5.10 -12.20
N SER A 290 8.28 5.15 -13.14
CA SER A 290 7.19 4.24 -13.29
C SER A 290 7.70 3.02 -14.05
N TRP A 291 7.06 1.87 -13.85
CA TRP A 291 7.46 0.65 -14.56
C TRP A 291 7.43 0.89 -16.07
N LEU A 292 6.35 1.54 -16.50
CA LEU A 292 6.14 1.98 -17.88
C LEU A 292 7.36 2.66 -18.48
N VAL A 293 7.75 3.79 -17.90
CA VAL A 293 8.84 4.57 -18.46
C VAL A 293 10.13 3.75 -18.56
N VAL A 294 10.37 2.87 -17.58
CA VAL A 294 11.61 2.04 -17.55
C VAL A 294 11.63 1.05 -18.70
N GLN A 295 10.46 0.48 -19.00
CA GLN A 295 10.27 -0.44 -20.13
C GLN A 295 10.38 0.27 -21.45
N CYS A 296 9.91 1.51 -21.47
CA CYS A 296 9.90 2.33 -22.66
C CYS A 296 11.32 2.58 -23.15
N LEU A 297 12.14 3.11 -22.26
CA LEU A 297 13.54 3.41 -22.55
C LEU A 297 14.26 2.22 -23.14
N GLN A 298 13.97 1.04 -22.61
CA GLN A 298 14.66 -0.15 -23.06
C GLN A 298 14.34 -0.48 -24.52
N ARG A 299 13.15 -0.11 -24.96
CA ARG A 299 12.67 -0.46 -26.29
C ARG A 299 12.78 0.66 -27.31
N ALA A 300 12.88 1.90 -26.85
CA ALA A 300 12.66 3.03 -27.74
C ALA A 300 13.86 3.20 -28.66
N THR A 301 13.56 3.68 -29.87
CA THR A 301 14.61 4.01 -30.84
C THR A 301 15.26 5.27 -30.38
N PRO A 302 16.49 5.53 -30.84
CA PRO A 302 17.07 6.84 -30.50
C PRO A 302 16.09 7.94 -30.91
N GLU A 303 15.46 7.78 -32.07
CA GLU A 303 14.38 8.66 -32.49
C GLU A 303 13.40 8.84 -31.32
N GLN A 304 12.76 7.75 -30.89
CA GLN A 304 11.66 7.83 -29.89
C GLN A 304 12.08 8.37 -28.51
N TYR A 305 13.26 7.95 -28.03
CA TYR A 305 13.83 8.53 -26.82
C TYR A 305 13.56 10.05 -26.72
N GLN A 306 13.68 10.77 -27.84
CA GLN A 306 13.52 12.21 -27.85
C GLN A 306 12.09 12.72 -27.64
N ILE A 307 11.09 11.98 -28.12
CA ILE A 307 9.70 12.38 -27.85
C ILE A 307 9.55 12.38 -26.32
N LEU A 308 10.03 11.30 -25.72
CA LEU A 308 9.89 11.06 -24.29
C LEU A 308 10.58 12.16 -23.52
N LYS A 309 11.86 12.31 -23.79
CA LYS A 309 12.65 13.36 -23.17
C LYS A 309 11.89 14.69 -23.26
N GLU A 310 11.32 14.97 -24.43
CA GLU A 310 10.74 16.27 -24.67
C GLU A 310 9.34 16.42 -24.09
N ASN A 311 8.66 15.34 -23.73
CA ASN A 311 7.28 15.43 -23.21
C ASN A 311 7.10 14.96 -21.79
N TYR A 312 8.12 14.29 -21.25
CA TYR A 312 7.99 13.70 -19.93
C TYR A 312 8.10 14.72 -18.80
N GLY A 313 7.39 14.46 -17.73
CA GLY A 313 7.52 15.27 -16.54
C GLY A 313 7.09 16.69 -16.73
N GLN A 314 6.03 16.88 -17.52
CA GLN A 314 5.52 18.21 -17.71
C GLN A 314 4.05 18.18 -17.55
N LYS A 315 3.51 19.23 -16.96
CA LYS A 315 2.08 19.32 -16.62
C LYS A 315 1.17 19.53 -17.82
N GLU A 316 1.72 19.54 -19.03
CA GLU A 316 0.89 19.83 -20.21
C GLU A 316 0.21 18.60 -20.80
N ALA A 317 -1.12 18.62 -20.80
CA ALA A 317 -1.93 17.54 -21.38
C ALA A 317 -1.45 17.06 -22.73
N GLU A 318 -1.06 17.96 -23.60
CA GLU A 318 -0.58 17.54 -24.92
C GLU A 318 0.64 16.64 -24.77
N LYS A 319 1.53 17.00 -23.87
CA LYS A 319 2.81 16.31 -23.75
C LYS A 319 2.66 14.96 -23.06
N VAL A 320 1.72 14.91 -22.11
CA VAL A 320 1.34 13.66 -21.45
C VAL A 320 0.83 12.70 -22.51
N ALA A 321 -0.21 13.13 -23.22
CA ALA A 321 -0.77 12.40 -24.37
C ALA A 321 0.31 11.90 -25.34
N ARG A 322 1.28 12.70 -25.71
CA ARG A 322 2.34 12.19 -26.60
C ARG A 322 3.02 10.95 -26.04
N VAL A 323 3.15 10.92 -24.72
CA VAL A 323 3.86 9.85 -24.05
C VAL A 323 2.97 8.60 -23.99
N LYS A 324 1.72 8.78 -23.53
CA LYS A 324 0.75 7.67 -23.59
C LYS A 324 0.77 7.00 -24.94
N ALA A 325 0.66 7.82 -25.99
CA ALA A 325 0.64 7.32 -27.35
C ALA A 325 1.93 6.56 -27.65
N LEU A 326 3.04 7.15 -27.32
CA LEU A 326 4.31 6.47 -27.56
C LEU A 326 4.33 5.13 -26.82
N TYR A 327 3.70 5.09 -25.65
CA TYR A 327 3.67 3.84 -24.87
C TYR A 327 2.81 2.80 -25.63
N GLU A 328 1.60 3.20 -26.00
CA GLU A 328 0.74 2.40 -26.90
C GLU A 328 1.47 2.07 -28.22
N GLU A 329 2.29 2.98 -28.73
CA GLU A 329 3.07 2.67 -29.92
C GLU A 329 4.00 1.44 -29.70
N LEU A 330 4.53 1.27 -28.49
CA LEU A 330 5.40 0.12 -28.22
C LEU A 330 4.66 -1.11 -27.64
N ASP A 331 3.32 -1.09 -27.70
CA ASP A 331 2.44 -2.18 -27.21
C ASP A 331 2.89 -2.61 -25.83
N LEU A 332 3.05 -1.59 -24.99
CA LEU A 332 3.46 -1.80 -23.60
C LEU A 332 2.35 -2.43 -22.78
N PRO A 333 1.07 -2.18 -23.11
CA PRO A 333 0.07 -2.90 -22.33
C PRO A 333 0.13 -4.41 -22.58
N ALA A 334 0.68 -4.82 -23.71
CA ALA A 334 0.81 -6.24 -24.01
C ALA A 334 1.96 -6.80 -23.19
N VAL A 335 3.02 -6.01 -23.05
CA VAL A 335 4.20 -6.39 -22.24
C VAL A 335 3.82 -6.49 -20.77
N PHE A 336 2.92 -5.61 -20.32
CA PHE A 336 2.40 -5.72 -19.01
C PHE A 336 1.81 -7.09 -18.79
N LEU A 337 0.87 -7.47 -19.66
CA LEU A 337 0.17 -8.76 -19.56
C LEU A 337 1.13 -9.92 -19.65
N GLN A 338 2.17 -9.80 -20.48
CA GLN A 338 3.19 -10.85 -20.49
C GLN A 338 3.83 -10.90 -19.10
N TYR A 339 4.40 -9.78 -18.66
CA TYR A 339 5.10 -9.76 -17.37
C TYR A 339 4.17 -10.26 -16.25
N GLU A 340 2.91 -9.82 -16.20
CA GLU A 340 1.98 -10.24 -15.13
C GLU A 340 1.77 -11.77 -15.07
N GLU A 341 1.86 -12.43 -16.21
CA GLU A 341 1.75 -13.88 -16.26
C GLU A 341 3.05 -14.50 -15.73
N ASP A 342 4.19 -14.06 -16.23
CA ASP A 342 5.50 -14.65 -15.82
C ASP A 342 5.90 -14.41 -14.35
N SER A 343 5.48 -13.29 -13.78
CA SER A 343 5.76 -12.99 -12.37
C SER A 343 4.84 -13.80 -11.48
N TYR A 344 3.60 -13.97 -11.92
CA TYR A 344 2.66 -14.73 -11.11
C TYR A 344 3.18 -16.18 -11.01
N SER A 345 3.53 -16.77 -12.16
CA SER A 345 4.25 -18.04 -12.14
C SER A 345 5.46 -18.03 -11.21
N HIS A 346 6.35 -17.04 -11.38
CA HIS A 346 7.54 -17.00 -10.56
C HIS A 346 7.18 -16.97 -9.07
N ILE A 347 6.14 -16.22 -8.74
CA ILE A 347 5.73 -16.14 -7.38
C ILE A 347 5.28 -17.51 -6.90
N MET A 348 4.46 -18.17 -7.73
CA MET A 348 3.96 -19.51 -7.41
C MET A 348 5.15 -20.44 -7.16
N ALA A 349 6.19 -20.36 -8.00
CA ALA A 349 7.40 -21.11 -7.70
C ALA A 349 7.90 -20.78 -6.26
N LEU A 350 7.92 -19.50 -5.92
CA LEU A 350 8.37 -19.07 -4.60
C LEU A 350 7.48 -19.59 -3.47
N ILE A 351 6.20 -19.76 -3.72
CA ILE A 351 5.37 -20.35 -2.70
C ILE A 351 5.66 -21.85 -2.57
N GLU A 352 5.92 -22.52 -3.69
CA GLU A 352 6.26 -23.94 -3.62
C GLU A 352 7.56 -24.09 -2.82
N GLN A 353 8.55 -23.25 -3.13
CA GLN A 353 9.84 -23.29 -2.42
C GLN A 353 9.87 -22.87 -0.96
N TYR A 354 9.05 -21.92 -0.54
CA TYR A 354 9.31 -21.19 0.72
C TYR A 354 8.12 -21.06 1.64
N ALA A 355 6.99 -21.65 1.25
CA ALA A 355 5.81 -21.50 2.08
C ALA A 355 6.00 -22.26 3.38
N ALA A 356 6.55 -23.46 3.25
CA ALA A 356 6.68 -24.37 4.38
C ALA A 356 7.40 -23.72 5.54
N PRO A 357 6.90 -23.90 6.76
CA PRO A 357 5.84 -24.76 7.24
C PRO A 357 4.51 -24.05 7.26
N LEU A 358 4.39 -22.97 6.50
CA LEU A 358 3.15 -22.23 6.54
C LEU A 358 2.20 -22.81 5.51
N PRO A 359 0.91 -22.79 5.83
CA PRO A 359 -0.10 -23.20 4.84
C PRO A 359 0.05 -22.42 3.55
N PRO A 360 0.27 -23.11 2.42
CA PRO A 360 0.35 -22.30 1.19
C PRO A 360 -0.82 -21.29 1.01
N ALA A 361 -2.00 -21.66 1.46
CA ALA A 361 -3.18 -20.81 1.33
C ALA A 361 -2.96 -19.31 1.68
N VAL A 362 -2.23 -19.06 2.77
CA VAL A 362 -1.94 -17.71 3.23
C VAL A 362 -1.41 -16.85 2.08
N PHE A 363 -0.45 -17.40 1.35
CA PHE A 363 0.17 -16.69 0.27
C PHE A 363 -0.69 -16.71 -0.98
N LEU A 364 -1.33 -17.85 -1.23
CA LEU A 364 -2.21 -17.99 -2.39
C LEU A 364 -3.42 -17.10 -2.31
N GLY A 365 -4.04 -17.02 -1.14
CA GLY A 365 -5.26 -16.22 -1.04
C GLY A 365 -4.89 -14.82 -1.48
N LEU A 366 -3.77 -14.33 -0.93
CA LEU A 366 -3.28 -13.02 -1.27
C LEU A 366 -2.97 -12.92 -2.76
N ALA A 367 -2.30 -13.91 -3.32
CA ALA A 367 -1.93 -13.82 -4.73
C ALA A 367 -3.16 -13.73 -5.66
N ARG A 368 -4.15 -14.59 -5.42
CA ARG A 368 -5.39 -14.61 -6.18
C ARG A 368 -6.03 -13.22 -6.16
N LYS A 369 -6.10 -12.61 -4.97
CA LYS A 369 -6.76 -11.30 -4.78
C LYS A 369 -6.09 -10.14 -5.55
N ILE A 370 -4.84 -10.30 -5.97
CA ILE A 370 -4.19 -9.26 -6.76
C ILE A 370 -3.83 -9.66 -8.20
N TYR A 371 -3.90 -10.94 -8.57
CA TYR A 371 -3.58 -11.30 -9.97
C TYR A 371 -4.73 -10.86 -10.86
N LYS A 372 -4.38 -10.51 -12.09
CA LYS A 372 -5.32 -9.93 -13.04
C LYS A 372 -6.24 -8.87 -12.37
N ARG A 373 -5.67 -8.00 -11.52
CA ARG A 373 -6.47 -6.96 -10.82
C ARG A 373 -6.53 -5.66 -11.65
N ARG A 374 -7.69 -4.98 -11.58
CA ARG A 374 -7.99 -3.79 -12.39
C ARG A 374 -8.49 -2.60 -11.53
N LYS A 375 -8.44 -2.73 -10.20
CA LYS A 375 -8.77 -1.67 -9.22
C LYS A 375 -7.72 -1.64 -8.11
OAU YL2 B . 3.66 5.26 -5.15
PAS YL2 B . 2.42 5.96 -5.56
OAV YL2 B . 2.20 7.42 -5.27
OAW YL2 B . 2.51 5.67 -7.13
CAR YL2 B . 0.95 5.15 -4.76
PAT YL2 B . -0.55 5.97 -5.46
OAX YL2 B . -1.79 5.46 -4.62
OAZ YL2 B . -0.62 7.41 -5.12
OAY YL2 B . -0.34 5.54 -6.84
NAJ YL2 B . 1.01 5.17 -3.24
C4 YL2 B . 1.88 4.33 -2.66
N3 YL2 B . 1.95 3.15 -3.23
C2 YL2 B . 2.81 2.19 -2.76
N1 YL2 B . 3.63 2.54 -1.71
C6 YL2 B . 3.54 3.76 -1.16
SAE YL2 B . 4.44 4.43 0.09
C5 YL2 B . 2.67 4.70 -1.60
CAC YL2 B . 2.79 5.86 -0.86
CAD YL2 B . 3.74 5.83 0.12
CAK YL2 B . 4.14 6.79 1.01
CAP YL2 B . 3.38 7.86 1.44
CAO YL2 B . 3.87 8.78 2.35
CAL YL2 B . 5.44 6.73 1.54
CAM YL2 B . 5.93 7.65 2.45
CAN YL2 B . 5.15 8.69 2.86
CAQ YL2 B . 5.73 9.62 3.75
CBA YL2 B . 4.93 10.37 4.72
CBB YL2 B . 5.70 9.27 5.09
P1 POP C . -4.03 0.30 -2.75
O1 POP C . -2.78 1.13 -2.89
O2 POP C . -4.79 0.32 -4.06
O3 POP C . -3.85 -1.08 -2.13
O POP C . -4.94 1.00 -1.63
P2 POP C . -6.51 1.06 -1.30
O4 POP C . -7.11 -0.16 -1.92
O5 POP C . -7.14 2.36 -1.76
O6 POP C . -6.41 1.07 0.21
MG MG D . 0.79 9.19 -5.44
MG MG E . 3.86 8.61 -4.73
MG MG F . 0.76 4.97 -8.04
#